data_8S4E
#
_entry.id   8S4E
#
_cell.length_a   92.370
_cell.length_b   92.370
_cell.length_c   70.860
_cell.angle_alpha   90.00
_cell.angle_beta   90.00
_cell.angle_gamma   120.00
#
_symmetry.space_group_name_H-M   'P 32 2 1'
#
loop_
_entity.id
_entity.type
_entity.pdbx_description
1 polymer 'Genome assembly, chromosome: A10'
2 water water
#
_entity_poly.entity_id   1
_entity_poly.type   'polypeptide(L)'
_entity_poly.pdbx_seq_one_letter_code
;MATSGFKHLVVVKFKEDAKVDEILKGLENLVSQIDSVKSFEWGEDNESHEMLRQGFTHAFSMTFENKDAYVSFTGHPLHV
EFSAAFTAVIDKIVVMDFTVAAVKSPVVVAPAAALEWSHPQFEK
;
_entity_poly.pdbx_strand_id   A,B
#
# COMPACT_ATOMS: atom_id res chain seq x y z
N SER A 4 -4.74 6.41 -12.41
CA SER A 4 -5.46 6.40 -11.12
C SER A 4 -4.83 7.41 -10.14
N GLY A 5 -4.19 8.46 -10.67
CA GLY A 5 -3.73 9.62 -9.89
C GLY A 5 -2.31 9.50 -9.35
N PHE A 6 -2.03 10.19 -8.25
CA PHE A 6 -0.70 10.26 -7.66
C PHE A 6 -0.83 9.73 -6.24
N LYS A 7 0.05 8.79 -5.87
CA LYS A 7 -0.01 8.14 -4.57
C LYS A 7 1.18 8.53 -3.70
N HIS A 8 0.87 8.71 -2.42
CA HIS A 8 1.80 8.87 -1.33
C HIS A 8 1.68 7.65 -0.44
N LEU A 9 2.73 6.82 -0.45
CA LEU A 9 2.74 5.53 0.22
C LEU A 9 3.77 5.56 1.34
N VAL A 10 3.32 5.10 2.52
CA VAL A 10 4.16 5.09 3.71
C VAL A 10 4.08 3.72 4.34
N VAL A 11 5.26 3.12 4.56
CA VAL A 11 5.37 1.88 5.31
C VAL A 11 6.19 2.12 6.56
N VAL A 12 5.71 1.65 7.73
CA VAL A 12 6.32 2.08 8.97
C VAL A 12 6.34 0.94 9.98
N LYS A 13 7.29 1.09 10.90
CA LYS A 13 7.32 0.37 12.16
C LYS A 13 7.29 1.41 13.27
N PHE A 14 6.36 1.23 14.22
CA PHE A 14 6.16 2.11 15.34
C PHE A 14 7.09 1.72 16.48
N LYS A 15 7.45 2.70 17.32
CA LYS A 15 8.14 2.45 18.58
C LYS A 15 7.28 1.56 19.45
N GLU A 16 7.94 0.79 20.34
CA GLU A 16 7.30 -0.23 21.18
C GLU A 16 6.17 0.35 22.01
N ASP A 17 6.27 1.60 22.43
CA ASP A 17 5.28 2.15 23.36
C ASP A 17 4.25 3.03 22.65
N ALA A 18 4.27 3.10 21.32
CA ALA A 18 3.38 4.03 20.61
C ALA A 18 1.93 3.58 20.78
N LYS A 19 1.01 4.54 20.85
CA LYS A 19 -0.41 4.27 20.92
C LYS A 19 -0.98 4.24 19.50
N VAL A 20 -0.84 3.10 18.85
CA VAL A 20 -0.99 2.98 17.41
C VAL A 20 -2.44 3.27 16.99
N ASP A 21 -3.38 2.74 17.77
CA ASP A 21 -4.79 2.95 17.51
C ASP A 21 -5.13 4.44 17.50
N GLU A 22 -4.60 5.19 18.49
CA GLU A 22 -4.86 6.61 18.55
C GLU A 22 -4.20 7.35 17.38
N ILE A 23 -2.99 6.89 17.02
CA ILE A 23 -2.26 7.57 15.98
C ILE A 23 -3.06 7.42 14.68
N LEU A 24 -3.55 6.20 14.44
CA LEU A 24 -4.29 5.92 13.22
C LEU A 24 -5.62 6.68 13.19
N LYS A 25 -6.30 6.77 14.33
CA LYS A 25 -7.50 7.59 14.41
C LYS A 25 -7.17 9.04 14.06
N GLY A 26 -6.01 9.53 14.51
CA GLY A 26 -5.59 10.89 14.20
C GLY A 26 -5.43 11.11 12.69
N LEU A 27 -4.81 10.14 12.02
CA LEU A 27 -4.59 10.26 10.59
C LEU A 27 -5.90 10.22 9.79
N GLU A 28 -6.78 9.31 10.22
CA GLU A 28 -8.13 9.22 9.63
C GLU A 28 -8.83 10.57 9.78
N ASN A 29 -8.70 11.17 10.95
CA ASN A 29 -9.31 12.48 11.15
C ASN A 29 -8.68 13.53 10.25
N LEU A 30 -7.35 13.49 10.09
CA LEU A 30 -6.71 14.49 9.23
C LEU A 30 -7.27 14.47 7.80
N VAL A 31 -7.26 13.26 7.21
CA VAL A 31 -7.55 13.10 5.81
C VAL A 31 -9.03 13.42 5.51
N SER A 32 -9.89 13.15 6.49
CA SER A 32 -11.32 13.40 6.34
C SER A 32 -11.63 14.89 6.19
N GLN A 33 -10.66 15.79 6.45
CA GLN A 33 -10.94 17.22 6.51
C GLN A 33 -10.27 17.98 5.37
N ILE A 34 -9.62 17.27 4.45
CA ILE A 34 -8.80 17.92 3.42
C ILE A 34 -9.26 17.39 2.06
N ASP A 35 -9.86 18.27 1.27
CA ASP A 35 -10.55 17.83 0.07
C ASP A 35 -9.58 17.21 -0.94
N SER A 36 -8.33 17.66 -0.98
CA SER A 36 -7.37 17.22 -1.98
C SER A 36 -6.98 15.74 -1.80
N VAL A 37 -7.15 15.21 -0.60
CA VAL A 37 -6.96 13.78 -0.38
C VAL A 37 -8.17 13.03 -0.91
N LYS A 38 -8.00 12.31 -2.03
CA LYS A 38 -9.11 11.63 -2.68
C LYS A 38 -9.39 10.29 -2.04
N SER A 39 -8.31 9.57 -1.67
CA SER A 39 -8.41 8.28 -1.04
C SER A 39 -7.39 8.17 0.08
N PHE A 40 -7.75 7.35 1.06
CA PHE A 40 -6.90 7.00 2.15
C PHE A 40 -7.26 5.59 2.56
N GLU A 41 -6.26 4.75 2.75
CA GLU A 41 -6.45 3.44 3.33
C GLU A 41 -5.20 3.08 4.13
N TRP A 42 -5.35 2.08 4.99
CA TRP A 42 -4.20 1.56 5.69
C TRP A 42 -4.44 0.09 6.02
N GLY A 43 -3.39 -0.57 6.48
CA GLY A 43 -3.49 -1.90 7.01
C GLY A 43 -2.32 -2.21 7.93
N GLU A 44 -2.50 -3.30 8.66
CA GLU A 44 -1.51 -3.83 9.57
C GLU A 44 -1.18 -5.26 9.17
N ASP A 45 0.12 -5.57 9.17
CA ASP A 45 0.60 -6.91 8.92
C ASP A 45 1.70 -7.21 9.93
N ASN A 46 1.38 -8.04 10.91
CA ASN A 46 2.43 -8.56 11.79
C ASN A 46 2.45 -10.09 11.75
N GLU A 47 1.96 -10.66 10.67
CA GLU A 47 1.84 -12.11 10.49
C GLU A 47 2.76 -12.62 9.37
N SER A 48 2.94 -11.89 8.28
CA SER A 48 3.69 -12.43 7.16
C SER A 48 5.17 -12.58 7.51
N HIS A 49 5.94 -13.26 6.65
CA HIS A 49 7.36 -13.57 6.96
C HIS A 49 8.22 -12.32 7.26
N GLU A 50 9.00 -12.40 8.33
CA GLU A 50 9.83 -11.25 8.78
C GLU A 50 10.99 -11.00 7.82
N MET A 51 11.45 -12.03 7.13
CA MET A 51 12.61 -11.83 6.23
C MET A 51 12.14 -11.07 4.98
N LEU A 52 10.82 -10.93 4.82
CA LEU A 52 10.26 -10.24 3.63
C LEU A 52 9.63 -8.91 4.06
N ARG A 53 9.05 -8.86 5.26
CA ARG A 53 8.41 -7.62 5.77
C ARG A 53 9.46 -6.72 6.43
N GLN A 54 10.55 -7.31 6.90
CA GLN A 54 11.66 -6.54 7.52
C GLN A 54 11.13 -5.79 8.76
N GLY A 55 10.15 -6.35 9.46
CA GLY A 55 9.77 -5.71 10.70
C GLY A 55 8.75 -4.57 10.54
N PHE A 56 8.48 -4.12 9.30
CA PHE A 56 7.45 -3.11 9.10
C PHE A 56 6.10 -3.73 9.47
N THR A 57 5.17 -2.94 10.05
CA THR A 57 3.90 -3.47 10.53
C THR A 57 2.68 -2.80 9.92
N HIS A 58 2.82 -1.55 9.44
CA HIS A 58 1.68 -0.79 8.96
C HIS A 58 2.06 -0.14 7.65
N ALA A 59 1.07 -0.08 6.76
CA ALA A 59 1.21 0.63 5.50
C ALA A 59 0.01 1.57 5.36
N PHE A 60 0.24 2.76 4.83
CA PHE A 60 -0.90 3.56 4.44
C PHE A 60 -0.60 4.32 3.17
N SER A 61 -1.68 4.65 2.46
CA SER A 61 -1.53 5.37 1.23
C SER A 61 -2.65 6.37 1.07
N MET A 62 -2.23 7.54 0.60
CA MET A 62 -3.12 8.60 0.16
C MET A 62 -3.00 8.76 -1.35
N THR A 63 -4.14 9.00 -2.00
CA THR A 63 -4.13 9.27 -3.41
C THR A 63 -4.68 10.66 -3.66
N PHE A 64 -4.07 11.31 -4.65
CA PHE A 64 -4.38 12.67 -5.07
C PHE A 64 -4.63 12.63 -6.57
N GLU A 65 -5.29 13.66 -7.08
CA GLU A 65 -5.60 13.74 -8.50
C GLU A 65 -4.34 13.87 -9.33
N ASN A 66 -3.30 14.50 -8.80
CA ASN A 66 -2.05 14.59 -9.54
C ASN A 66 -0.97 15.02 -8.57
N LYS A 67 0.25 15.12 -9.08
CA LYS A 67 1.40 15.46 -8.27
C LYS A 67 1.25 16.87 -7.68
N ASP A 68 0.67 17.82 -8.43
CA ASP A 68 0.53 19.18 -7.92
C ASP A 68 -0.32 19.18 -6.65
N ALA A 69 -1.44 18.48 -6.66
CA ALA A 69 -2.30 18.40 -5.48
C ALA A 69 -1.53 17.78 -4.30
N TYR A 70 -0.69 16.78 -4.56
CA TYR A 70 0.09 16.19 -3.48
C TYR A 70 1.05 17.23 -2.89
N VAL A 71 1.76 17.93 -3.77
CA VAL A 71 2.78 18.86 -3.32
C VAL A 71 2.12 19.93 -2.46
N SER A 72 0.93 20.41 -2.87
CA SER A 72 0.20 21.39 -2.08
C SER A 72 -0.14 20.82 -0.72
N PHE A 73 -0.65 19.60 -0.73
CA PHE A 73 -1.03 18.97 0.54
C PHE A 73 0.17 18.88 1.49
N THR A 74 1.39 18.67 0.97
CA THR A 74 2.51 18.49 1.89
C THR A 74 2.81 19.79 2.63
N GLY A 75 2.42 20.94 2.06
CA GLY A 75 2.51 22.25 2.69
C GLY A 75 1.33 22.58 3.60
N HIS A 76 0.30 21.73 3.67
CA HIS A 76 -0.83 22.00 4.55
C HIS A 76 -0.38 21.98 6.01
N PRO A 77 -0.67 23.04 6.79
CA PRO A 77 -0.18 23.17 8.16
C PRO A 77 -0.55 21.99 9.03
N LEU A 78 -1.75 21.42 8.82
CA LEU A 78 -2.16 20.33 9.70
C LEU A 78 -1.33 19.09 9.39
N HIS A 79 -1.05 18.83 8.12
CA HIS A 79 -0.19 17.75 7.70
C HIS A 79 1.24 17.97 8.23
N VAL A 80 1.72 19.22 8.21
CA VAL A 80 3.07 19.49 8.67
C VAL A 80 3.17 19.17 10.16
N GLU A 81 2.17 19.63 10.90
CA GLU A 81 2.14 19.40 12.33
C GLU A 81 1.98 17.92 12.64
N PHE A 82 1.13 17.22 11.90
CA PHE A 82 0.97 15.78 12.09
C PHE A 82 2.30 15.07 11.86
N SER A 83 2.97 15.41 10.74
CA SER A 83 4.21 14.75 10.36
C SER A 83 5.27 14.93 11.46
N ALA A 84 5.35 16.16 11.99
CA ALA A 84 6.34 16.46 13.01
C ALA A 84 6.13 15.58 14.24
N ALA A 85 4.89 15.46 14.68
CA ALA A 85 4.60 14.61 15.81
C ALA A 85 4.82 13.14 15.47
N PHE A 86 4.53 12.74 14.23
CA PHE A 86 4.63 11.34 13.83
C PHE A 86 6.08 10.85 13.89
N THR A 87 6.99 11.75 13.57
CA THR A 87 8.44 11.52 13.65
C THR A 87 8.80 10.90 15.00
N ALA A 88 8.15 11.32 16.06
CA ALA A 88 8.52 10.88 17.40
C ALA A 88 8.03 9.49 17.74
N VAL A 89 7.09 8.91 16.97
CA VAL A 89 6.54 7.61 17.37
C VAL A 89 6.94 6.46 16.43
N ILE A 90 7.84 6.70 15.48
CA ILE A 90 8.21 5.66 14.54
C ILE A 90 9.64 5.19 14.79
N ASP A 91 9.87 3.89 14.55
CA ASP A 91 11.19 3.30 14.59
C ASP A 91 11.84 3.41 13.22
N LYS A 92 11.08 3.09 12.16
CA LYS A 92 11.57 3.34 10.83
C LYS A 92 10.41 3.49 9.85
N ILE A 93 10.79 3.96 8.66
CA ILE A 93 9.82 4.36 7.69
C ILE A 93 10.41 4.26 6.28
N VAL A 94 9.52 3.90 5.36
CA VAL A 94 9.80 4.07 3.95
C VAL A 94 8.66 4.87 3.35
N VAL A 95 9.04 5.87 2.56
CA VAL A 95 8.09 6.75 1.92
C VAL A 95 8.35 6.74 0.43
N MET A 96 7.26 6.56 -0.32
CA MET A 96 7.33 6.65 -1.77
C MET A 96 6.15 7.37 -2.37
N ASP A 97 6.47 8.17 -3.38
CA ASP A 97 5.55 9.11 -3.98
C ASP A 97 5.64 8.96 -5.48
N PHE A 98 4.52 8.55 -6.09
CA PHE A 98 4.56 8.19 -7.49
C PHE A 98 3.21 8.35 -8.17
N THR A 99 3.28 8.65 -9.47
CA THR A 99 2.16 8.48 -10.39
C THR A 99 1.80 7.00 -10.48
N VAL A 100 0.49 6.70 -10.35
CA VAL A 100 0.00 5.32 -10.36
C VAL A 100 -0.17 4.84 -11.79
N ALA A 101 0.46 3.70 -12.14
CA ALA A 101 0.09 3.00 -13.36
C ALA A 101 -0.95 1.94 -12.97
N ALA A 102 -2.19 2.16 -13.40
CA ALA A 102 -3.29 1.22 -13.19
C ALA A 102 -3.26 0.18 -14.30
N VAL A 103 -3.04 -1.07 -13.91
CA VAL A 103 -2.87 -2.13 -14.88
C VAL A 103 -4.15 -2.96 -14.93
N LYS A 104 -4.72 -3.30 -13.77
CA LYS A 104 -5.95 -4.06 -13.77
C LYS A 104 -6.84 -3.53 -12.67
N SER A 105 -8.15 -3.42 -12.95
CA SER A 105 -9.10 -3.02 -11.92
C SER A 105 -10.45 -3.66 -12.15
N PRO A 106 -11.38 -3.57 -11.18
CA PRO A 106 -12.79 -3.90 -11.41
C PRO A 106 -13.67 -2.66 -11.57
N ALA B 2 -14.62 -0.99 8.02
CA ALA B 2 -14.78 -0.88 6.55
C ALA B 2 -13.54 -1.44 5.84
N THR B 3 -13.73 -2.50 5.05
CA THR B 3 -12.63 -3.11 4.31
C THR B 3 -12.95 -3.18 2.83
N SER B 4 -11.98 -2.84 1.98
CA SER B 4 -12.14 -2.93 0.55
C SER B 4 -11.48 -4.20 -0.01
N GLY B 5 -10.92 -5.07 0.85
CA GLY B 5 -10.35 -6.30 0.34
C GLY B 5 -9.01 -6.58 1.01
N PHE B 6 -8.24 -7.47 0.41
CA PHE B 6 -6.93 -7.87 0.97
C PHE B 6 -5.86 -7.44 0.01
N LYS B 7 -4.82 -6.79 0.52
CA LYS B 7 -3.79 -6.24 -0.37
C LYS B 7 -2.44 -6.94 -0.20
N HIS B 8 -1.80 -7.25 -1.33
CA HIS B 8 -0.43 -7.79 -1.33
C HIS B 8 0.43 -6.64 -1.86
N LEU B 9 1.22 -6.04 -1.00
CA LEU B 9 2.01 -4.86 -1.33
C LEU B 9 3.48 -5.25 -1.31
N VAL B 10 4.17 -4.89 -2.38
CA VAL B 10 5.59 -5.21 -2.54
C VAL B 10 6.32 -3.93 -2.92
N VAL B 11 7.33 -3.60 -2.11
CA VAL B 11 8.20 -2.47 -2.36
C VAL B 11 9.62 -3.00 -2.56
N VAL B 12 10.25 -2.61 -3.66
CA VAL B 12 11.50 -3.24 -4.04
C VAL B 12 12.49 -2.23 -4.60
N LYS B 13 13.76 -2.66 -4.46
CA LYS B 13 14.89 -2.13 -5.21
C LYS B 13 15.46 -3.29 -6.03
N PHE B 14 15.62 -3.06 -7.33
CA PHE B 14 16.10 -4.08 -8.25
C PHE B 14 17.63 -4.08 -8.29
N LYS B 15 18.24 -5.22 -8.59
CA LYS B 15 19.66 -5.30 -8.88
C LYS B 15 20.00 -4.40 -10.07
N GLU B 16 21.27 -3.98 -10.12
CA GLU B 16 21.75 -2.99 -11.08
C GLU B 16 21.46 -3.42 -12.52
N ASP B 17 21.57 -4.72 -12.80
CA ASP B 17 21.47 -5.19 -14.17
C ASP B 17 20.09 -5.76 -14.49
N ALA B 18 19.09 -5.57 -13.60
CA ALA B 18 17.80 -6.20 -13.81
C ALA B 18 17.12 -5.57 -15.02
N LYS B 19 16.38 -6.37 -15.78
CA LYS B 19 15.69 -5.88 -16.97
C LYS B 19 14.25 -5.57 -16.54
N VAL B 20 14.09 -4.33 -16.07
CA VAL B 20 12.92 -3.94 -15.31
C VAL B 20 11.69 -3.97 -16.22
N ASP B 21 11.85 -3.53 -17.47
CA ASP B 21 10.71 -3.50 -18.39
C ASP B 21 10.19 -4.91 -18.63
N GLU B 22 11.08 -5.89 -18.76
CA GLU B 22 10.64 -7.26 -18.95
C GLU B 22 9.98 -7.79 -17.68
N ILE B 23 10.51 -7.40 -16.52
CA ILE B 23 9.93 -7.86 -15.27
C ILE B 23 8.49 -7.31 -15.16
N LEU B 24 8.31 -6.04 -15.54
CA LEU B 24 7.01 -5.38 -15.47
C LEU B 24 6.03 -6.03 -16.46
N LYS B 25 6.52 -6.36 -17.65
CA LYS B 25 5.69 -7.03 -18.64
C LYS B 25 5.25 -8.37 -18.06
N GLY B 26 6.17 -9.03 -17.35
CA GLY B 26 5.88 -10.33 -16.76
C GLY B 26 4.77 -10.21 -15.72
N LEU B 27 4.83 -9.17 -14.90
CA LEU B 27 3.80 -8.96 -13.83
C LEU B 27 2.45 -8.66 -14.49
N GLU B 28 2.44 -7.81 -15.50
CA GLU B 28 1.23 -7.51 -16.25
C GLU B 28 0.62 -8.79 -16.80
N ASN B 29 1.47 -9.65 -17.36
CA ASN B 29 0.97 -10.90 -17.92
C ASN B 29 0.44 -11.79 -16.80
N LEU B 30 1.14 -11.86 -15.68
CA LEU B 30 0.71 -12.74 -14.58
C LEU B 30 -0.68 -12.32 -14.08
N VAL B 31 -0.86 -11.03 -13.83
CA VAL B 31 -2.12 -10.53 -13.23
C VAL B 31 -3.30 -10.72 -14.19
N SER B 32 -3.07 -10.56 -15.49
CA SER B 32 -4.13 -10.73 -16.49
C SER B 32 -4.63 -12.18 -16.57
N GLN B 33 -3.78 -13.17 -16.22
CA GLN B 33 -4.12 -14.58 -16.33
C GLN B 33 -4.80 -15.12 -15.08
N ILE B 34 -4.80 -14.36 -13.98
CA ILE B 34 -5.26 -14.91 -12.72
C ILE B 34 -6.47 -14.10 -12.26
N ASP B 35 -7.61 -14.77 -12.29
CA ASP B 35 -8.87 -14.12 -12.02
C ASP B 35 -8.95 -13.59 -10.59
N SER B 36 -8.30 -14.26 -9.62
CA SER B 36 -8.40 -13.87 -8.23
C SER B 36 -7.79 -12.48 -7.97
N VAL B 37 -6.92 -12.04 -8.87
CA VAL B 37 -6.31 -10.69 -8.75
C VAL B 37 -7.35 -9.67 -9.20
N LYS B 38 -7.92 -8.93 -8.27
CA LYS B 38 -8.97 -7.98 -8.59
C LYS B 38 -8.40 -6.68 -9.12
N SER B 39 -7.31 -6.24 -8.52
CA SER B 39 -6.67 -5.00 -9.00
C SER B 39 -5.15 -5.13 -8.96
N PHE B 40 -4.49 -4.45 -9.89
CA PHE B 40 -3.01 -4.41 -9.88
C PHE B 40 -2.59 -3.05 -10.36
N GLU B 41 -1.77 -2.38 -9.56
CA GLU B 41 -1.18 -1.13 -9.98
C GLU B 41 0.25 -1.05 -9.49
N TRP B 42 1.01 -0.12 -10.03
CA TRP B 42 2.39 0.03 -9.62
C TRP B 42 2.83 1.46 -9.92
N GLY B 43 3.98 1.80 -9.35
CA GLY B 43 4.61 3.06 -9.61
C GLY B 43 6.10 2.98 -9.32
N GLU B 44 6.80 3.98 -9.84
CA GLU B 44 8.22 4.13 -9.63
C GLU B 44 8.48 5.48 -8.99
N ASP B 45 9.36 5.49 -8.00
CA ASP B 45 9.82 6.73 -7.39
C ASP B 45 11.33 6.64 -7.25
N ASN B 46 12.04 7.39 -8.09
CA ASN B 46 13.49 7.47 -7.93
C ASN B 46 13.91 8.93 -7.77
N GLU B 47 12.96 9.79 -7.36
CA GLU B 47 13.16 11.22 -7.25
C GLU B 47 13.10 11.67 -5.79
N SER B 48 12.21 11.09 -4.99
CA SER B 48 11.99 11.57 -3.64
C SER B 48 13.21 11.32 -2.74
N HIS B 49 13.20 11.96 -1.57
CA HIS B 49 14.34 11.90 -0.61
C HIS B 49 14.80 10.47 -0.31
N GLU B 50 16.11 10.26 -0.34
CA GLU B 50 16.67 8.90 -0.14
C GLU B 50 16.74 8.51 1.33
N MET B 51 16.72 9.47 2.23
CA MET B 51 16.70 9.11 3.66
C MET B 51 15.31 8.55 4.03
N LEU B 52 14.29 8.90 3.24
CA LEU B 52 12.92 8.45 3.56
C LEU B 52 12.55 7.26 2.67
N ARG B 53 13.07 7.23 1.45
CA ARG B 53 12.77 6.14 0.49
C ARG B 53 13.74 4.96 0.71
N GLN B 54 14.90 5.23 1.29
CA GLN B 54 15.88 4.16 1.61
C GLN B 54 16.26 3.40 0.32
N GLY B 55 16.27 4.06 -0.83
CA GLY B 55 16.73 3.39 -2.03
C GLY B 55 15.68 2.52 -2.74
N PHE B 56 14.50 2.30 -2.16
CA PHE B 56 13.45 1.56 -2.86
C PHE B 56 13.00 2.39 -4.06
N THR B 57 12.68 1.75 -5.18
CA THR B 57 12.33 2.47 -6.40
C THR B 57 10.94 2.12 -6.94
N HIS B 58 10.42 0.93 -6.63
CA HIS B 58 9.17 0.49 -7.23
C HIS B 58 8.25 -0.08 -6.17
N ALA B 59 6.96 0.20 -6.33
CA ALA B 59 5.93 -0.36 -5.47
C ALA B 59 4.82 -0.97 -6.32
N PHE B 60 4.46 -2.20 -5.97
CA PHE B 60 3.41 -2.95 -6.71
C PHE B 60 2.34 -3.36 -5.72
N SER B 61 1.10 -3.10 -6.09
CA SER B 61 -0.03 -3.40 -5.18
C SER B 61 -1.06 -4.30 -5.87
N MET B 62 -1.27 -5.50 -5.35
CA MET B 62 -2.33 -6.39 -5.87
C MET B 62 -3.42 -6.48 -4.80
N THR B 63 -4.68 -6.46 -5.22
CA THR B 63 -5.79 -6.59 -4.26
C THR B 63 -6.60 -7.82 -4.55
N PHE B 64 -7.10 -8.44 -3.50
CA PHE B 64 -7.92 -9.67 -3.63
C PHE B 64 -9.20 -9.43 -2.87
N GLU B 65 -10.21 -10.25 -3.13
CA GLU B 65 -11.48 -10.13 -2.45
C GLU B 65 -11.32 -10.37 -0.96
N ASN B 66 -10.40 -11.23 -0.55
CA ASN B 66 -10.21 -11.46 0.87
C ASN B 66 -8.92 -12.25 1.06
N LYS B 67 -8.58 -12.51 2.32
CA LYS B 67 -7.35 -13.21 2.64
C LYS B 67 -7.32 -14.60 2.02
N ASP B 68 -8.47 -15.31 2.02
CA ASP B 68 -8.48 -16.67 1.49
C ASP B 68 -8.09 -16.70 0.02
N ALA B 69 -8.66 -15.78 -0.77
CA ALA B 69 -8.27 -15.67 -2.16
C ALA B 69 -6.77 -15.37 -2.32
N TYR B 70 -6.19 -14.54 -1.45
CA TYR B 70 -4.77 -14.26 -1.55
C TYR B 70 -3.98 -15.56 -1.28
N VAL B 71 -4.35 -16.28 -0.23
CA VAL B 71 -3.59 -17.44 0.19
C VAL B 71 -3.60 -18.45 -0.96
N SER B 72 -4.76 -18.61 -1.62
CA SER B 72 -4.85 -19.47 -2.79
C SER B 72 -3.93 -19.01 -3.89
N PHE B 73 -3.94 -17.72 -4.17
CA PHE B 73 -3.07 -17.16 -5.23
C PHE B 73 -1.61 -17.47 -4.95
N THR B 74 -1.21 -17.51 -3.68
CA THR B 74 0.22 -17.69 -3.43
C THR B 74 0.64 -19.10 -3.83
N GLY B 75 -0.31 -20.04 -3.87
CA GLY B 75 -0.08 -21.40 -4.36
C GLY B 75 -0.22 -21.56 -5.88
N HIS B 76 -0.63 -20.51 -6.59
CA HIS B 76 -0.85 -20.63 -8.01
C HIS B 76 0.50 -20.85 -8.69
N PRO B 77 0.62 -21.86 -9.57
CA PRO B 77 1.90 -22.21 -10.20
C PRO B 77 2.54 -21.04 -10.94
N LEU B 78 1.73 -20.18 -11.56
CA LEU B 78 2.30 -19.04 -12.26
C LEU B 78 2.98 -18.07 -11.27
N HIS B 79 2.33 -17.87 -10.11
CA HIS B 79 2.87 -17.00 -9.11
C HIS B 79 4.11 -17.62 -8.48
N VAL B 80 4.10 -18.93 -8.26
CA VAL B 80 5.25 -19.59 -7.66
C VAL B 80 6.46 -19.47 -8.57
N GLU B 81 6.23 -19.68 -9.86
CA GLU B 81 7.29 -19.54 -10.85
C GLU B 81 7.78 -18.11 -10.90
N PHE B 82 6.84 -17.15 -10.89
CA PHE B 82 7.22 -15.74 -10.98
C PHE B 82 8.08 -15.36 -9.78
N SER B 83 7.66 -15.82 -8.60
CA SER B 83 8.28 -15.56 -7.33
C SER B 83 9.77 -15.95 -7.38
N ALA B 84 9.99 -17.17 -7.90
CA ALA B 84 11.32 -17.75 -7.89
C ALA B 84 12.24 -16.90 -8.76
N ALA B 85 11.76 -16.55 -9.95
CA ALA B 85 12.51 -15.68 -10.84
C ALA B 85 12.72 -14.30 -10.22
N PHE B 86 11.73 -13.77 -9.50
CA PHE B 86 11.79 -12.42 -8.97
C PHE B 86 12.89 -12.30 -7.91
N THR B 87 13.02 -13.35 -7.10
CA THR B 87 14.07 -13.42 -6.09
C THR B 87 15.42 -13.10 -6.68
N ALA B 88 15.65 -13.58 -7.91
CA ALA B 88 16.96 -13.42 -8.51
C ALA B 88 17.28 -11.98 -8.90
N VAL B 89 16.28 -11.10 -9.08
CA VAL B 89 16.55 -9.79 -9.65
C VAL B 89 16.34 -8.63 -8.67
N ILE B 90 16.16 -8.92 -7.37
CA ILE B 90 15.93 -7.87 -6.40
C ILE B 90 17.13 -7.73 -5.46
N ASP B 91 17.38 -6.48 -5.08
CA ASP B 91 18.40 -6.11 -4.13
C ASP B 91 17.77 -6.10 -2.75
N LYS B 92 16.62 -5.42 -2.62
CA LYS B 92 15.87 -5.59 -1.38
C LYS B 92 14.38 -5.42 -1.58
N ILE B 93 13.65 -5.82 -0.56
CA ILE B 93 12.23 -5.97 -0.68
C ILE B 93 11.56 -5.82 0.66
N VAL B 94 10.40 -5.20 0.61
CA VAL B 94 9.46 -5.25 1.70
C VAL B 94 8.14 -5.77 1.15
N VAL B 95 7.61 -6.78 1.82
CA VAL B 95 6.33 -7.35 1.47
C VAL B 95 5.39 -7.19 2.64
N MET B 96 4.21 -6.66 2.33
CA MET B 96 3.15 -6.49 3.31
C MET B 96 1.83 -7.05 2.77
N ASP B 97 1.17 -7.82 3.62
CA ASP B 97 -0.06 -8.50 3.28
C ASP B 97 -1.09 -8.20 4.34
N PHE B 98 -2.16 -7.51 3.96
CA PHE B 98 -3.09 -7.00 4.96
C PHE B 98 -4.49 -6.79 4.42
N THR B 99 -5.46 -7.01 5.32
CA THR B 99 -6.81 -6.50 5.16
C THR B 99 -6.79 -4.97 5.12
N VAL B 100 -7.42 -4.40 4.07
CA VAL B 100 -7.38 -2.97 3.82
C VAL B 100 -8.48 -2.33 4.68
N ALA B 101 -8.08 -1.36 5.52
CA ALA B 101 -9.01 -0.45 6.16
C ALA B 101 -9.28 0.70 5.19
N ALA B 102 -10.51 0.72 4.65
CA ALA B 102 -10.92 1.71 3.68
C ALA B 102 -11.47 2.92 4.42
N VAL B 103 -10.75 4.02 4.40
CA VAL B 103 -11.08 5.14 5.24
C VAL B 103 -11.73 6.24 4.39
N LYS B 104 -11.17 6.54 3.23
CA LYS B 104 -11.74 7.58 2.38
C LYS B 104 -11.54 7.15 0.93
N SER B 105 -12.53 7.38 0.07
CA SER B 105 -12.38 7.13 -1.36
C SER B 105 -13.36 8.01 -2.12
N PRO B 106 -13.07 8.32 -3.39
CA PRO B 106 -13.96 9.15 -4.18
C PRO B 106 -15.12 8.33 -4.72
N VAL B 107 -15.00 7.01 -4.70
CA VAL B 107 -16.03 6.12 -5.19
C VAL B 107 -16.16 4.99 -4.20
N VAL B 108 -17.29 4.29 -4.29
CA VAL B 108 -17.58 3.25 -3.33
C VAL B 108 -16.64 2.06 -3.53
N VAL B 109 -16.00 1.60 -2.46
CA VAL B 109 -15.08 0.46 -2.54
C VAL B 109 -15.43 -0.54 -1.46
N ALA B 110 -16.26 -0.16 -0.48
CA ALA B 110 -16.60 -1.04 0.63
C ALA B 110 -18.05 -0.81 1.04
N PRO B 111 -19.01 -1.21 0.19
CA PRO B 111 -20.43 -0.95 0.45
C PRO B 111 -20.97 -1.56 1.74
N ALA B 112 -20.50 -2.75 2.10
CA ALA B 112 -21.09 -3.44 3.22
C ALA B 112 -20.94 -2.65 4.51
N ALA B 113 -19.83 -1.90 4.62
CA ALA B 113 -19.55 -1.11 5.81
C ALA B 113 -20.63 -0.04 6.04
N ALA B 114 -21.25 0.47 4.97
CA ALA B 114 -22.32 1.44 5.16
C ALA B 114 -23.65 0.79 5.59
N LEU B 115 -23.79 -0.55 5.52
CA LEU B 115 -25.11 -1.17 5.65
C LEU B 115 -25.19 -2.28 6.69
N GLU B 116 -24.07 -2.64 7.31
CA GLU B 116 -24.07 -3.83 8.15
C GLU B 116 -24.95 -3.65 9.39
N TRP B 117 -25.12 -2.42 9.85
CA TRP B 117 -26.03 -2.14 10.94
C TRP B 117 -27.44 -2.61 10.61
N SER B 118 -27.81 -2.76 9.32
CA SER B 118 -29.19 -3.07 8.98
C SER B 118 -29.47 -4.58 9.09
N HIS B 119 -28.45 -5.39 9.37
CA HIS B 119 -28.65 -6.81 9.57
C HIS B 119 -29.62 -6.99 10.74
N PRO B 120 -30.71 -7.77 10.64
CA PRO B 120 -31.57 -7.98 11.80
C PRO B 120 -30.86 -8.66 12.97
N GLN B 121 -31.37 -8.38 14.18
CA GLN B 121 -30.87 -9.01 15.40
C GLN B 121 -31.71 -10.27 15.59
N PHE B 122 -31.01 -11.42 15.60
CA PHE B 122 -31.66 -12.72 15.71
C PHE B 122 -31.41 -13.28 17.12
N GLU B 123 -30.22 -12.98 17.68
CA GLU B 123 -29.79 -13.33 19.03
C GLU B 123 -29.17 -14.75 19.07
#